data_6MNR
#
_entry.id   6MNR
#
_cell.length_a   45.855
_cell.length_b   71.817
_cell.length_c   134.752
_cell.angle_alpha   90.00
_cell.angle_beta   90.00
_cell.angle_gamma   90.00
#
_symmetry.space_group_name_H-M   'P 21 21 21'
#
loop_
_entity.id
_entity.type
_entity.pdbx_description
1 polymer 'Envelope glycoprotein'
2 polymer 'Ab DH753 heavy chain Fab fragment'
3 polymer 'Ab DH753 light chain'
4 non-polymer 'SULFATE ION'
5 non-polymer 1,2-ETHANEDIOL
6 water water
#
loop_
_entity_poly.entity_id
_entity_poly.type
_entity_poly.pdbx_seq_one_letter_code
_entity_poly.pdbx_strand_id
1 'polypeptide(L)' NNTRKSIRIGPGQAFYATGGIIG P
2 'polypeptide(L)'
;EVHLVESGGGLVQPGGSLRLSCEVSGLTFSNSWMSWVRQAPGKGLEWVGFIKTKADGGTAAYAESVKGRFTISRDDSKNT
VFLQMKSLKTEDTAVYYCQGAVVISHEYIEIWGQGALVTVSSASTKGPSVFPLAPSSRSTSESTAALGCLVKDYFPEPVT
VSWNSGSLTSGVHTFPAVLQSSGLYSLSSVVTVPSSSLGTQTYVCNVNHKPSNTKVDKRVEIKTCGG
;
H
3 'polypeptide(L)'
;QSVLTQPPSASEAARKSVTISCSGGSSNIGDDSVSWYQQVPGTAPKLLIYYNDRRASGVSDRFSGSKSGTSASLAINGLQ
SEDEADYYCAAWDDSLSAYIFGSGTRLTVLGQPKASPTVTLFPPSSEELQANKATLVCLISDFYPGVVKVAWKADGSAVN
AGVETTTPSKQSNNKYAASSYLSLTSDQWKSHKSYSCQVTHEGSTVEKTVAPAECS
;
L
#
# COMPACT_ATOMS: atom_id res chain seq x y z
N LYS A 5 14.75 -36.47 -5.62
CA LYS A 5 14.54 -35.09 -6.05
C LYS A 5 14.20 -34.19 -4.86
N SER A 6 14.80 -33.00 -4.83
CA SER A 6 14.78 -32.11 -3.65
C SER A 6 13.46 -31.38 -3.39
N ILE A 7 13.10 -31.28 -2.11
CA ILE A 7 11.96 -30.47 -1.68
C ILE A 7 12.38 -29.03 -1.48
N ARG A 8 11.81 -28.13 -2.28
CA ARG A 8 12.09 -26.70 -2.18
C ARG A 8 10.81 -25.94 -1.88
N ILE A 9 10.95 -24.70 -1.40
CA ILE A 9 9.82 -23.92 -0.94
C ILE A 9 9.92 -22.43 -1.31
N GLY A 10 8.81 -21.87 -1.78
CA GLY A 10 8.67 -20.43 -1.86
C GLY A 10 9.21 -19.80 -3.13
N PRO A 11 9.02 -18.48 -3.24
CA PRO A 11 9.42 -17.72 -4.45
C PRO A 11 10.95 -17.79 -4.66
N GLY A 12 11.69 -18.14 -3.62
CA GLY A 12 13.12 -18.32 -3.72
C GLY A 12 13.54 -19.77 -3.88
N GLN A 13 12.57 -20.67 -3.84
CA GLN A 13 12.83 -22.11 -3.93
C GLN A 13 13.97 -22.56 -2.99
N ALA A 14 13.89 -22.13 -1.73
CA ALA A 14 14.87 -22.52 -0.73
C ALA A 14 14.89 -24.02 -0.56
N PHE A 15 16.07 -24.59 -0.44
CA PHE A 15 16.20 -26.02 -0.15
C PHE A 15 15.64 -26.33 1.25
N TYR A 16 14.65 -27.18 1.31
CA TYR A 16 14.01 -27.48 2.59
C TYR A 16 14.45 -28.86 3.13
N ALA A 17 14.33 -29.89 2.31
CA ALA A 17 14.81 -31.22 2.67
C ALA A 17 14.82 -32.12 1.44
N THR A 18 15.19 -33.38 1.64
CA THR A 18 15.06 -34.37 0.57
C THR A 18 14.32 -35.62 1.06
N GLU B 1 12.03 -7.97 14.02
CA GLU B 1 13.47 -8.15 14.12
C GLU B 1 14.12 -8.03 12.74
N VAL B 2 13.55 -8.67 11.74
CA VAL B 2 14.15 -8.68 10.42
C VAL B 2 13.58 -7.59 9.53
N HIS B 3 14.46 -6.88 8.83
CA HIS B 3 14.05 -5.83 7.90
C HIS B 3 14.68 -6.03 6.53
N LEU B 4 13.84 -6.03 5.51
CA LEU B 4 14.30 -5.93 4.15
C LEU B 4 13.93 -4.55 3.65
N VAL B 5 14.92 -3.70 3.46
CA VAL B 5 14.61 -2.33 3.07
C VAL B 5 14.95 -2.12 1.60
N GLU B 6 13.90 -1.88 0.81
CA GLU B 6 14.06 -1.64 -0.62
C GLU B 6 14.21 -0.18 -0.97
N SER B 7 14.95 0.09 -2.03
CA SER B 7 15.11 1.44 -2.51
C SER B 7 15.43 1.43 -4.00
N GLY B 8 15.30 2.59 -4.63
CA GLY B 8 15.52 2.68 -6.05
C GLY B 8 14.24 2.90 -6.83
N GLY B 9 13.10 2.89 -6.13
CA GLY B 9 11.83 3.04 -6.81
C GLY B 9 11.69 4.40 -7.46
N GLY B 10 10.82 4.47 -8.47
CA GLY B 10 10.54 5.75 -9.11
C GLY B 10 10.05 5.66 -10.55
N LEU B 11 10.26 6.73 -11.29
CA LEU B 11 9.73 6.83 -12.63
C LEU B 11 10.81 6.57 -13.67
N VAL B 12 10.52 5.74 -14.65
CA VAL B 12 11.43 5.53 -15.77
C VAL B 12 10.65 5.52 -17.08
N GLN B 13 11.24 6.10 -18.11
CA GLN B 13 10.64 6.16 -19.44
C GLN B 13 10.67 4.77 -20.07
N PRO B 14 9.65 4.46 -20.90
CA PRO B 14 9.64 3.16 -21.56
C PRO B 14 10.93 2.91 -22.35
N GLY B 15 11.44 1.69 -22.27
CA GLY B 15 12.72 1.35 -22.88
C GLY B 15 13.89 1.65 -21.95
N GLY B 16 13.62 2.35 -20.86
CA GLY B 16 14.66 2.75 -19.94
C GLY B 16 15.05 1.66 -18.94
N SER B 17 15.98 2.01 -18.08
CA SER B 17 16.47 1.07 -17.11
C SER B 17 16.41 1.65 -15.69
N LEU B 18 16.24 0.77 -14.71
CA LEU B 18 16.14 1.16 -13.33
C LEU B 18 16.64 0.00 -12.48
N ARG B 19 17.41 0.31 -11.45
CA ARG B 19 17.91 -0.71 -10.55
C ARG B 19 17.28 -0.57 -9.16
N LEU B 20 16.64 -1.63 -8.68
CA LEU B 20 16.16 -1.70 -7.32
C LEU B 20 17.15 -2.42 -6.42
N SER B 21 17.28 -1.93 -5.19
CA SER B 21 18.07 -2.58 -4.15
C SER B 21 17.19 -3.09 -3.04
N CYS B 22 17.59 -4.22 -2.45
CA CYS B 22 16.94 -4.73 -1.26
C CYS B 22 18.01 -5.12 -0.25
N GLU B 23 18.12 -4.38 0.83
CA GLU B 23 19.18 -4.66 1.80
C GLU B 23 18.62 -5.31 3.07
N VAL B 24 19.20 -6.44 3.42
CA VAL B 24 18.70 -7.25 4.51
C VAL B 24 19.46 -7.00 5.83
N SER B 25 18.72 -6.80 6.90
CA SER B 25 19.31 -6.77 8.23
C SER B 25 18.53 -7.73 9.13
N GLY B 26 19.24 -8.40 10.04
CA GLY B 26 18.61 -9.36 10.92
C GLY B 26 18.63 -10.80 10.43
N LEU B 27 18.81 -11.01 9.12
CA LEU B 27 19.09 -12.34 8.60
C LEU B 27 20.53 -12.38 8.08
N THR B 28 21.16 -13.55 8.13
CA THR B 28 22.46 -13.70 7.50
C THR B 28 22.21 -13.78 6.01
N PHE B 29 22.52 -12.67 5.34
CA PHE B 29 22.24 -12.53 3.94
C PHE B 29 22.81 -13.70 3.14
N SER B 30 24.04 -14.11 3.48
CA SER B 30 24.74 -15.11 2.69
C SER B 30 24.01 -16.46 2.66
N ASN B 31 23.14 -16.68 3.65
CA ASN B 31 22.39 -17.92 3.76
C ASN B 31 20.94 -17.78 3.31
N SER B 32 20.60 -16.62 2.77
CA SER B 32 19.20 -16.36 2.40
C SER B 32 19.00 -16.52 0.91
N TRP B 33 18.02 -17.34 0.53
CA TRP B 33 17.51 -17.34 -0.84
C TRP B 33 16.68 -16.09 -1.08
N MET B 34 17.09 -15.31 -2.08
CA MET B 34 16.49 -14.00 -2.30
C MET B 34 15.60 -14.04 -3.54
N SER B 35 14.45 -13.37 -3.48
CA SER B 35 13.55 -13.39 -4.63
C SER B 35 12.79 -12.08 -4.75
N TRP B 36 12.10 -11.92 -5.87
CA TRP B 36 11.33 -10.70 -6.17
C TRP B 36 9.95 -11.07 -6.69
N VAL B 37 8.94 -10.36 -6.20
CA VAL B 37 7.55 -10.55 -6.60
C VAL B 37 6.96 -9.17 -6.87
N ARG B 38 6.17 -9.01 -7.92
CA ARG B 38 5.64 -7.68 -8.23
C ARG B 38 4.13 -7.69 -8.22
N GLN B 39 3.56 -6.50 -8.10
CA GLN B 39 2.12 -6.37 -8.05
C GLN B 39 1.68 -5.06 -8.72
N ALA B 40 0.98 -5.18 -9.84
CA ALA B 40 0.42 -4.02 -10.55
C ALA B 40 -0.68 -3.41 -9.70
N PRO B 41 -0.90 -2.10 -9.85
CA PRO B 41 -1.96 -1.47 -9.06
C PRO B 41 -3.30 -2.20 -9.23
N GLY B 42 -3.85 -2.71 -8.13
CA GLY B 42 -5.17 -3.34 -8.15
C GLY B 42 -5.21 -4.78 -8.62
N LYS B 43 -4.03 -5.38 -8.85
CA LYS B 43 -3.98 -6.74 -9.38
C LYS B 43 -3.31 -7.69 -8.40
N GLY B 44 -3.11 -8.93 -8.83
CA GLY B 44 -2.58 -9.98 -7.99
C GLY B 44 -1.08 -9.97 -7.91
N LEU B 45 -0.52 -11.03 -7.33
CA LEU B 45 0.92 -11.16 -7.14
C LEU B 45 1.53 -11.94 -8.30
N GLU B 46 2.65 -11.46 -8.84
CA GLU B 46 3.25 -12.14 -9.98
C GLU B 46 4.76 -12.28 -9.76
N TRP B 47 5.22 -13.53 -9.74
CA TRP B 47 6.62 -13.85 -9.51
C TRP B 47 7.55 -13.27 -10.56
N VAL B 48 8.66 -12.70 -10.13
CA VAL B 48 9.62 -12.09 -11.04
C VAL B 48 10.88 -12.95 -11.21
N GLY B 49 11.42 -13.47 -10.11
CA GLY B 49 12.58 -14.34 -10.18
C GLY B 49 13.20 -14.59 -8.82
N PHE B 50 14.27 -15.39 -8.78
CA PHE B 50 15.04 -15.52 -7.56
C PHE B 50 16.53 -15.60 -7.86
N ILE B 51 17.35 -15.54 -6.82
CA ILE B 51 18.75 -15.91 -6.93
C ILE B 51 19.15 -16.77 -5.74
N LYS B 52 19.77 -17.90 -6.03
CA LYS B 52 20.14 -18.84 -4.99
C LYS B 52 21.30 -18.34 -4.13
N THR B 53 21.45 -18.95 -2.96
CA THR B 53 22.62 -18.75 -2.12
C THR B 53 23.86 -19.21 -2.90
N LYS B 54 25.04 -18.71 -2.53
CA LYS B 54 26.26 -19.18 -3.18
C LYS B 54 26.42 -20.69 -3.01
N ALA B 55 26.15 -21.20 -1.81
CA ALA B 55 26.31 -22.63 -1.51
C ALA B 55 25.38 -23.49 -2.40
N ASP B 56 24.20 -22.98 -2.70
CA ASP B 56 23.34 -23.56 -3.72
C ASP B 56 23.89 -23.14 -5.10
N GLY B 57 23.11 -23.21 -6.17
CA GLY B 57 23.64 -22.72 -7.45
C GLY B 57 24.36 -21.35 -7.54
N GLY B 58 23.99 -20.41 -6.66
CA GLY B 58 24.41 -19.03 -6.83
C GLY B 58 23.72 -18.43 -8.06
N THR B 59 22.89 -19.22 -8.72
CA THR B 59 22.30 -18.87 -10.00
C THR B 59 20.88 -18.30 -9.84
N ALA B 60 20.44 -17.57 -10.86
CA ALA B 60 19.16 -16.87 -10.83
C ALA B 60 18.14 -17.56 -11.75
N ALA B 61 16.85 -17.33 -11.51
CA ALA B 61 15.79 -17.85 -12.37
C ALA B 61 14.77 -16.72 -12.61
N TYR B 62 14.07 -16.76 -13.73
CA TYR B 62 13.24 -15.63 -14.13
C TYR B 62 11.89 -16.03 -14.69
N ALA B 63 10.89 -15.19 -14.40
CA ALA B 63 9.61 -15.29 -15.08
C ALA B 63 9.84 -15.14 -16.57
N GLU B 64 9.04 -15.85 -17.37
CA GLU B 64 9.13 -15.78 -18.81
C GLU B 64 9.04 -14.33 -19.34
N SER B 65 8.17 -13.52 -18.76
CA SER B 65 7.94 -12.17 -19.28
C SER B 65 9.08 -11.20 -18.96
N VAL B 66 10.02 -11.59 -18.09
CA VAL B 66 11.09 -10.67 -17.75
C VAL B 66 12.47 -11.19 -18.17
N LYS B 67 12.49 -12.44 -18.63
CA LYS B 67 13.74 -13.10 -19.00
C LYS B 67 14.47 -12.30 -20.07
N GLY B 68 15.77 -12.08 -19.85
CA GLY B 68 16.56 -11.31 -20.79
C GLY B 68 16.53 -9.81 -20.60
N ARG B 69 15.48 -9.32 -19.94
CA ARG B 69 15.36 -7.89 -19.65
C ARG B 69 15.78 -7.56 -18.21
N PHE B 70 15.43 -8.45 -17.29
CA PHE B 70 15.71 -8.24 -15.87
C PHE B 70 16.87 -9.16 -15.42
N THR B 71 17.76 -8.63 -14.57
CA THR B 71 18.85 -9.42 -14.02
C THR B 71 18.86 -9.30 -12.51
N ILE B 72 18.83 -10.43 -11.83
CA ILE B 72 18.90 -10.42 -10.38
C ILE B 72 20.32 -10.79 -9.98
N SER B 73 20.92 -10.04 -9.06
CA SER B 73 22.25 -10.37 -8.60
C SER B 73 22.39 -10.10 -7.09
N ARG B 74 23.42 -10.66 -6.47
CA ARG B 74 23.60 -10.49 -5.03
C ARG B 74 25.01 -10.07 -4.61
N ASP B 75 25.09 -9.19 -3.61
CA ASP B 75 26.37 -8.82 -2.99
C ASP B 75 26.37 -9.21 -1.51
N ASP B 76 26.91 -10.39 -1.22
CA ASP B 76 26.85 -10.98 0.11
C ASP B 76 27.58 -10.14 1.16
N SER B 77 28.65 -9.48 0.76
CA SER B 77 29.43 -8.68 1.70
C SER B 77 28.68 -7.43 2.14
N LYS B 78 27.75 -6.97 1.29
CA LYS B 78 26.96 -5.77 1.60
C LYS B 78 25.49 -6.09 1.90
N ASN B 79 25.20 -7.37 2.13
CA ASN B 79 23.86 -7.82 2.49
C ASN B 79 22.73 -7.30 1.58
N THR B 80 23.03 -7.23 0.29
CA THR B 80 22.09 -6.64 -0.67
C THR B 80 21.89 -7.48 -1.93
N VAL B 81 20.63 -7.66 -2.31
CA VAL B 81 20.29 -8.28 -3.59
C VAL B 81 19.74 -7.19 -4.50
N PHE B 82 20.06 -7.27 -5.78
CA PHE B 82 19.62 -6.25 -6.73
C PHE B 82 18.68 -6.82 -7.77
N LEU B 83 17.78 -5.98 -8.25
CA LEU B 83 17.02 -6.29 -9.42
C LEU B 83 17.30 -5.21 -10.43
N GLN B 84 18.06 -5.56 -11.45
CA GLN B 84 18.37 -4.63 -12.53
C GLN B 84 17.39 -4.83 -13.67
N MET B 85 16.66 -3.79 -14.00
CA MET B 85 15.64 -3.85 -15.03
C MET B 85 16.00 -3.03 -16.26
N LYS B 86 15.89 -3.63 -17.44
CA LYS B 86 16.15 -2.90 -18.67
C LYS B 86 15.02 -3.12 -19.65
N SER B 87 14.96 -2.25 -20.66
CA SER B 87 13.93 -2.28 -21.67
C SER B 87 12.57 -2.36 -21.01
N LEU B 88 12.31 -1.41 -20.12
CA LEU B 88 11.10 -1.47 -19.33
C LEU B 88 9.91 -1.15 -20.21
N LYS B 89 8.81 -1.86 -19.96
CA LYS B 89 7.54 -1.62 -20.64
C LYS B 89 6.56 -1.08 -19.62
N THR B 90 5.59 -0.31 -20.09
CA THR B 90 4.52 0.22 -19.24
C THR B 90 3.86 -0.88 -18.44
N GLU B 91 3.73 -2.06 -19.05
CA GLU B 91 3.25 -3.26 -18.36
C GLU B 91 4.06 -3.61 -17.10
N ASP B 92 5.32 -3.18 -17.00
CA ASP B 92 6.13 -3.52 -15.83
C ASP B 92 5.79 -2.65 -14.61
N THR B 93 4.95 -1.63 -14.79
CA THR B 93 4.54 -0.77 -13.67
C THR B 93 3.94 -1.61 -12.56
N ALA B 94 4.54 -1.52 -11.38
CA ALA B 94 4.14 -2.37 -10.24
C ALA B 94 4.91 -2.00 -8.99
N VAL B 95 4.37 -2.35 -7.85
CA VAL B 95 5.16 -2.41 -6.64
C VAL B 95 5.98 -3.70 -6.67
N TYR B 96 7.28 -3.58 -6.47
CA TYR B 96 8.18 -4.73 -6.47
C TYR B 96 8.56 -5.04 -5.03
N TYR B 97 8.27 -6.27 -4.61
CA TYR B 97 8.65 -6.78 -3.29
C TYR B 97 9.79 -7.78 -3.41
N CYS B 98 10.78 -7.65 -2.52
CA CYS B 98 11.82 -8.67 -2.37
C CYS B 98 11.48 -9.58 -1.20
N GLN B 99 11.96 -10.82 -1.28
CA GLN B 99 11.81 -11.78 -0.18
C GLN B 99 13.16 -12.38 0.15
N GLY B 100 13.35 -12.65 1.43
CA GLY B 100 14.49 -13.41 1.89
C GLY B 100 13.99 -14.64 2.62
N ALA B 101 14.53 -15.80 2.29
CA ALA B 101 14.10 -17.02 2.93
C ALA B 101 15.31 -17.81 3.40
N VAL B 102 15.20 -18.37 4.61
CA VAL B 102 16.23 -19.18 5.21
C VAL B 102 15.59 -20.40 5.81
N VAL B 103 16.36 -21.49 5.94
CA VAL B 103 15.89 -22.70 6.59
C VAL B 103 16.78 -22.99 7.80
N ILE B 104 16.17 -23.07 8.97
CA ILE B 104 16.91 -23.14 10.23
C ILE B 104 16.22 -24.04 11.21
N SER B 105 16.90 -25.07 11.70
CA SER B 105 16.31 -25.99 12.66
C SER B 105 14.97 -26.57 12.15
N HIS B 106 14.94 -26.98 10.88
CA HIS B 106 13.71 -27.44 10.24
C HIS B 106 12.61 -26.37 10.24
N GLU B 107 13.00 -25.12 10.48
CA GLU B 107 12.07 -24.00 10.39
C GLU B 107 12.29 -23.23 9.08
N TYR B 108 11.23 -23.03 8.30
CA TYR B 108 11.34 -22.18 7.12
C TYR B 108 10.89 -20.77 7.47
N ILE B 109 11.69 -19.79 7.08
CA ILE B 109 11.40 -18.39 7.37
C ILE B 109 11.44 -17.62 6.05
N GLU B 110 10.40 -16.84 5.81
CA GLU B 110 10.35 -16.04 4.59
C GLU B 110 9.83 -14.67 4.96
N ILE B 111 10.67 -13.66 4.79
CA ILE B 111 10.31 -12.30 5.15
C ILE B 111 10.29 -11.41 3.92
N TRP B 112 9.31 -10.49 3.87
CA TRP B 112 9.10 -9.59 2.72
C TRP B 112 9.51 -8.16 3.04
N GLY B 113 10.09 -7.49 2.04
CA GLY B 113 10.35 -6.06 2.15
C GLY B 113 9.08 -5.22 2.02
N GLN B 114 9.21 -3.91 2.14
CA GLN B 114 8.05 -3.03 2.17
C GLN B 114 7.53 -2.70 0.78
N GLY B 115 8.33 -3.01 -0.24
CA GLY B 115 7.93 -2.76 -1.62
C GLY B 115 8.50 -1.45 -2.16
N ALA B 116 8.75 -1.44 -3.46
CA ALA B 116 9.18 -0.24 -4.16
C ALA B 116 8.32 -0.07 -5.40
N LEU B 117 7.71 1.10 -5.55
CA LEU B 117 6.84 1.33 -6.70
C LEU B 117 7.65 1.74 -7.94
N VAL B 118 7.56 0.95 -9.00
CA VAL B 118 8.22 1.32 -10.24
C VAL B 118 7.17 1.78 -11.27
N THR B 119 7.30 3.01 -11.73
CA THR B 119 6.32 3.58 -12.64
C THR B 119 6.97 3.74 -14.00
N VAL B 120 6.49 2.98 -14.97
CA VAL B 120 7.04 3.07 -16.31
C VAL B 120 6.08 3.88 -17.15
N SER B 121 6.46 5.13 -17.41
CA SER B 121 5.58 6.07 -18.08
C SER B 121 6.39 7.09 -18.84
N SER B 122 5.78 7.68 -19.84
CA SER B 122 6.47 8.69 -20.63
C SER B 122 6.43 10.07 -19.93
N ALA B 123 5.52 10.20 -18.98
CA ALA B 123 5.38 11.40 -18.16
C ALA B 123 6.66 11.87 -17.47
N SER B 124 6.60 13.08 -16.95
CA SER B 124 7.70 13.68 -16.24
C SER B 124 7.56 13.52 -14.72
N THR B 125 8.70 13.45 -14.06
CA THR B 125 8.77 13.49 -12.62
C THR B 125 8.53 14.93 -12.21
N LYS B 126 7.69 15.13 -11.19
CA LYS B 126 7.44 16.47 -10.66
C LYS B 126 7.35 16.47 -9.13
N GLY B 127 8.18 17.28 -8.50
CA GLY B 127 8.09 17.46 -7.06
C GLY B 127 6.86 18.25 -6.69
N PRO B 128 6.31 17.98 -5.51
CA PRO B 128 5.10 18.63 -5.01
C PRO B 128 5.37 19.97 -4.33
N SER B 129 4.37 20.84 -4.30
CA SER B 129 4.39 21.99 -3.42
C SER B 129 3.70 21.56 -2.13
N VAL B 130 4.29 21.88 -0.98
CA VAL B 130 3.68 21.54 0.31
C VAL B 130 3.12 22.79 1.00
N PHE B 131 1.87 22.68 1.47
CA PHE B 131 1.21 23.81 2.10
C PHE B 131 0.68 23.41 3.46
N PRO B 132 1.17 24.07 4.51
CA PRO B 132 0.63 23.83 5.85
C PRO B 132 -0.87 24.18 5.90
N LEU B 133 -1.68 23.35 6.56
CA LEU B 133 -3.08 23.67 6.79
C LEU B 133 -3.32 23.89 8.28
N ALA B 134 -3.52 25.16 8.65
CA ALA B 134 -3.70 25.56 10.04
C ALA B 134 -5.16 25.45 10.47
N PRO B 135 -5.39 25.11 11.75
CA PRO B 135 -6.70 25.06 12.42
C PRO B 135 -7.44 26.41 12.49
N SER B 136 -8.66 26.41 13.03
CA SER B 136 -9.50 27.60 13.06
C SER B 136 -9.20 28.55 14.22
N SER B 141 -11.55 26.58 19.08
CA SER B 141 -12.27 26.73 20.35
C SER B 141 -12.52 25.39 21.04
N GLU B 142 -12.30 24.29 20.31
CA GLU B 142 -12.65 22.95 20.78
C GLU B 142 -11.49 22.27 21.54
N SER B 143 -11.75 21.08 22.09
CA SER B 143 -10.78 20.41 22.95
C SER B 143 -9.59 19.85 22.16
N THR B 144 -9.83 19.48 20.90
CA THR B 144 -8.75 19.12 20.00
C THR B 144 -8.90 19.86 18.68
N ALA B 145 -7.80 19.87 17.94
CA ALA B 145 -7.66 20.65 16.73
C ALA B 145 -7.02 19.78 15.64
N ALA B 146 -7.52 19.93 14.42
CA ALA B 146 -6.95 19.23 13.29
C ALA B 146 -6.06 20.19 12.51
N LEU B 147 -4.83 19.79 12.28
CA LEU B 147 -3.98 20.58 11.41
C LEU B 147 -3.35 19.65 10.38
N GLY B 148 -2.90 20.21 9.28
CA GLY B 148 -2.50 19.37 8.17
C GLY B 148 -1.43 19.93 7.28
N CYS B 149 -1.07 19.12 6.28
CA CYS B 149 -0.23 19.56 5.19
C CYS B 149 -0.84 19.06 3.87
N LEU B 150 -1.08 20.01 2.97
CA LEU B 150 -1.48 19.66 1.63
C LEU B 150 -0.24 19.42 0.77
N VAL B 151 -0.16 18.24 0.15
CA VAL B 151 0.96 17.92 -0.74
C VAL B 151 0.47 17.92 -2.18
N LYS B 152 0.71 19.01 -2.89
CA LYS B 152 0.00 19.28 -4.13
C LYS B 152 0.84 19.11 -5.39
N ASP B 153 0.25 18.42 -6.36
CA ASP B 153 0.75 18.34 -7.75
C ASP B 153 2.10 17.65 -7.90
N TYR B 154 2.15 16.35 -7.62
CA TYR B 154 3.39 15.60 -7.79
C TYR B 154 3.20 14.41 -8.70
N PHE B 155 4.31 13.98 -9.31
CA PHE B 155 4.35 12.77 -10.12
C PHE B 155 5.74 12.18 -10.04
N PRO B 156 5.85 10.85 -9.93
CA PRO B 156 4.76 9.89 -9.75
C PRO B 156 4.55 9.64 -8.27
N GLU B 157 3.73 8.65 -7.95
CA GLU B 157 3.62 8.18 -6.57
C GLU B 157 4.90 7.44 -6.18
N PRO B 158 5.18 7.31 -4.85
CA PRO B 158 4.43 7.74 -3.66
C PRO B 158 5.03 8.99 -3.01
N VAL B 159 4.31 9.61 -2.07
CA VAL B 159 4.99 10.42 -1.08
C VAL B 159 4.66 9.82 0.27
N THR B 160 5.59 9.98 1.18
CA THR B 160 5.38 9.65 2.58
C THR B 160 5.27 10.96 3.33
N VAL B 161 4.44 10.99 4.37
CA VAL B 161 4.37 12.13 5.26
C VAL B 161 4.55 11.67 6.70
N SER B 162 5.39 12.36 7.46
CA SER B 162 5.45 12.11 8.89
C SER B 162 5.27 13.45 9.59
N TRP B 163 5.29 13.43 10.92
CA TRP B 163 5.13 14.66 11.68
C TRP B 163 6.19 14.70 12.76
N ASN B 164 6.77 15.88 12.97
CA ASN B 164 7.87 16.08 13.90
C ASN B 164 8.91 14.96 13.76
N SER B 165 9.29 14.69 12.51
CA SER B 165 10.35 13.73 12.20
C SER B 165 10.01 12.34 12.74
N GLY B 166 8.72 12.00 12.74
CA GLY B 166 8.28 10.68 13.14
C GLY B 166 8.07 10.47 14.63
N SER B 167 8.31 11.50 15.45
CA SER B 167 8.06 11.35 16.88
C SER B 167 6.61 11.66 17.24
N LEU B 168 5.84 12.17 16.28
CA LEU B 168 4.40 12.33 16.47
C LEU B 168 3.67 11.37 15.54
N THR B 169 3.04 10.36 16.14
CA THR B 169 2.41 9.31 15.36
C THR B 169 0.92 9.12 15.70
N SER B 170 0.57 9.24 16.98
CA SER B 170 -0.84 9.10 17.35
C SER B 170 -1.67 10.25 16.75
N GLY B 171 -2.87 9.95 16.30
CA GLY B 171 -3.71 10.97 15.70
C GLY B 171 -3.30 11.38 14.29
N VAL B 172 -2.31 10.71 13.72
CA VAL B 172 -1.93 11.01 12.33
C VAL B 172 -2.71 10.16 11.33
N HIS B 173 -3.22 10.84 10.32
N HIS B 173 -3.23 10.82 10.30
CA HIS B 173 -3.93 10.20 9.22
CA HIS B 173 -3.89 10.10 9.23
C HIS B 173 -3.45 10.83 7.92
C HIS B 173 -3.54 10.76 7.91
N THR B 174 -2.80 10.03 7.08
CA THR B 174 -2.38 10.48 5.77
C THR B 174 -3.34 9.82 4.79
N PHE B 175 -3.97 10.62 3.92
CA PHE B 175 -5.03 10.15 3.01
C PHE B 175 -4.48 9.76 1.65
N PRO B 176 -5.13 8.77 1.00
CA PRO B 176 -4.77 8.40 -0.38
C PRO B 176 -4.83 9.59 -1.35
N ALA B 177 -3.97 9.55 -2.35
CA ALA B 177 -3.85 10.67 -3.27
C ALA B 177 -5.05 10.73 -4.19
N VAL B 178 -5.40 11.94 -4.64
CA VAL B 178 -6.35 12.10 -5.73
C VAL B 178 -5.54 12.30 -7.01
N LEU B 179 -6.03 11.82 -8.14
CA LEU B 179 -5.41 12.14 -9.44
C LEU B 179 -6.11 13.36 -10.04
N GLN B 180 -5.34 14.43 -10.24
CA GLN B 180 -5.85 15.70 -10.76
C GLN B 180 -6.04 15.61 -12.29
N SER B 181 -6.83 16.54 -12.84
CA SER B 181 -7.17 16.57 -14.27
C SER B 181 -5.94 16.75 -15.14
N SER B 182 -4.85 17.21 -14.53
CA SER B 182 -3.55 17.38 -15.16
C SER B 182 -2.72 16.08 -15.19
N GLY B 183 -3.22 15.02 -14.58
CA GLY B 183 -2.41 13.82 -14.40
C GLY B 183 -1.47 13.89 -13.21
N LEU B 184 -1.48 14.98 -12.46
CA LEU B 184 -0.65 15.05 -11.25
C LEU B 184 -1.44 14.59 -10.04
N TYR B 185 -0.72 14.05 -9.06
CA TYR B 185 -1.31 13.65 -7.77
C TYR B 185 -1.26 14.75 -6.70
N SER B 186 -2.29 14.78 -5.85
CA SER B 186 -2.24 15.54 -4.61
C SER B 186 -2.68 14.66 -3.44
N LEU B 187 -2.10 14.87 -2.26
CA LEU B 187 -2.66 14.24 -1.06
C LEU B 187 -2.62 15.18 0.15
N SER B 188 -3.26 14.75 1.23
CA SER B 188 -3.17 15.49 2.47
C SER B 188 -2.91 14.54 3.64
N SER B 189 -2.27 15.11 4.65
CA SER B 189 -2.00 14.43 5.92
C SER B 189 -2.52 15.32 7.06
N VAL B 190 -3.23 14.72 8.01
CA VAL B 190 -3.77 15.46 9.15
CA VAL B 190 -3.72 15.48 9.15
C VAL B 190 -3.35 14.81 10.47
N VAL B 191 -3.08 15.63 11.47
CA VAL B 191 -2.88 15.12 12.80
C VAL B 191 -3.78 15.92 13.72
N THR B 192 -4.48 15.21 14.59
CA THR B 192 -5.39 15.86 15.49
C THR B 192 -4.70 15.92 16.84
N VAL B 193 -4.61 17.10 17.40
CA VAL B 193 -3.82 17.31 18.62
C VAL B 193 -4.65 18.00 19.69
N PRO B 194 -4.27 17.82 20.97
CA PRO B 194 -5.03 18.54 21.99
C PRO B 194 -4.86 20.05 21.77
N SER B 195 -5.94 20.82 21.93
CA SER B 195 -5.87 22.24 21.63
C SER B 195 -4.98 22.98 22.63
N SER B 196 -4.98 22.51 23.88
CA SER B 196 -4.13 23.10 24.93
C SER B 196 -2.63 23.00 24.57
N SER B 197 -2.28 22.06 23.68
CA SER B 197 -0.89 21.88 23.27
C SER B 197 -0.41 22.99 22.32
N LEU B 198 -1.35 23.62 21.62
CA LEU B 198 -1.00 24.61 20.59
C LEU B 198 -0.27 25.81 21.19
N GLY B 199 0.79 26.25 20.53
CA GLY B 199 1.47 27.44 21.01
C GLY B 199 2.55 27.20 22.06
N THR B 200 2.47 26.08 22.77
CA THR B 200 3.61 25.61 23.53
C THR B 200 4.28 24.44 22.78
N GLN B 201 3.67 24.07 21.65
CA GLN B 201 4.12 22.94 20.88
C GLN B 201 4.17 23.32 19.41
N THR B 202 5.30 23.03 18.77
CA THR B 202 5.40 23.28 17.34
C THR B 202 5.18 21.97 16.59
N TYR B 203 4.47 22.09 15.48
CA TYR B 203 4.15 20.95 14.65
C TYR B 203 4.72 21.18 13.26
N VAL B 204 5.37 20.15 12.72
CA VAL B 204 5.99 20.22 11.40
C VAL B 204 5.71 18.94 10.65
N CYS B 205 5.21 19.07 9.43
CA CYS B 205 5.01 17.90 8.60
C CYS B 205 6.25 17.66 7.74
N ASN B 206 6.68 16.41 7.69
CA ASN B 206 7.87 16.04 6.93
C ASN B 206 7.45 15.26 5.69
N VAL B 207 7.61 15.88 4.53
CA VAL B 207 7.11 15.31 3.27
C VAL B 207 8.26 14.86 2.42
N ASN B 208 8.24 13.58 2.04
CA ASN B 208 9.32 13.02 1.22
C ASN B 208 8.77 12.48 -0.10
N HIS B 209 9.32 12.97 -1.21
CA HIS B 209 8.99 12.47 -2.55
C HIS B 209 10.31 12.02 -3.17
N LYS B 210 10.73 10.79 -2.86
CA LYS B 210 12.02 10.31 -3.31
C LYS B 210 12.18 10.29 -4.84
N PRO B 211 11.11 10.04 -5.63
CA PRO B 211 11.37 10.05 -7.08
C PRO B 211 11.79 11.42 -7.67
N SER B 212 11.55 12.50 -6.95
CA SER B 212 12.04 13.80 -7.39
C SER B 212 13.10 14.34 -6.45
N ASN B 213 13.64 13.47 -5.60
CA ASN B 213 14.64 13.85 -4.60
C ASN B 213 14.23 15.08 -3.78
N THR B 214 12.92 15.23 -3.58
CA THR B 214 12.35 16.31 -2.79
C THR B 214 12.05 15.88 -1.36
N LYS B 215 12.70 16.49 -0.37
CA LYS B 215 12.16 16.43 0.98
C LYS B 215 11.90 17.84 1.49
N VAL B 216 10.71 18.04 2.05
CA VAL B 216 10.26 19.35 2.48
C VAL B 216 9.63 19.25 3.87
N ASP B 217 10.03 20.13 4.79
CA ASP B 217 9.43 20.18 6.14
C ASP B 217 8.79 21.54 6.30
N LYS B 218 7.54 21.55 6.76
CA LYS B 218 6.81 22.79 6.84
C LYS B 218 6.22 22.93 8.24
N ARG B 219 6.55 24.03 8.90
CA ARG B 219 5.95 24.30 10.20
C ARG B 219 4.49 24.65 10.00
N VAL B 220 3.63 24.06 10.82
CA VAL B 220 2.21 24.37 10.73
C VAL B 220 1.82 25.24 11.91
N GLU B 221 1.79 26.56 11.69
CA GLU B 221 1.54 27.49 12.78
C GLU B 221 0.13 28.06 12.75
N ILE B 222 -0.36 28.45 13.93
CA ILE B 222 -1.67 29.07 14.02
C ILE B 222 -1.68 30.47 13.42
N LYS B 223 -2.25 30.56 12.22
CA LYS B 223 -2.28 31.80 11.44
C LYS B 223 -3.01 32.92 12.19
N SER C 2 -2.07 -23.35 -16.40
CA SER C 2 -1.52 -23.43 -15.06
C SER C 2 -1.74 -22.14 -14.27
N VAL C 3 -2.95 -21.98 -13.75
CA VAL C 3 -3.29 -20.84 -12.93
C VAL C 3 -4.07 -21.33 -11.70
N LEU C 4 -3.56 -21.04 -10.51
CA LEU C 4 -4.29 -21.37 -9.29
C LEU C 4 -5.50 -20.43 -9.19
N THR C 5 -6.70 -21.00 -9.29
CA THR C 5 -7.91 -20.19 -9.17
C THR C 5 -8.45 -20.23 -7.73
N GLN C 6 -8.91 -19.07 -7.27
CA GLN C 6 -9.57 -18.95 -5.98
C GLN C 6 -10.87 -18.19 -6.18
N PRO C 7 -11.89 -18.48 -5.36
CA PRO C 7 -13.07 -17.62 -5.43
C PRO C 7 -12.69 -16.17 -5.10
N PRO C 8 -13.23 -15.20 -5.85
CA PRO C 8 -12.89 -13.78 -5.71
C PRO C 8 -13.12 -13.26 -4.30
N SER C 9 -14.19 -13.74 -3.67
CA SER C 9 -14.69 -13.19 -2.42
C SER C 9 -15.12 -14.28 -1.42
N ALA C 10 -15.07 -13.92 -0.14
CA ALA C 10 -15.58 -14.77 0.93
C ALA C 10 -16.04 -13.87 2.07
N SER C 11 -17.13 -14.25 2.73
CA SER C 11 -17.72 -13.39 3.73
C SER C 11 -18.40 -14.20 4.82
N GLU C 12 -17.83 -14.18 6.04
CA GLU C 12 -18.42 -14.93 7.14
C GLU C 12 -18.40 -14.14 8.44
N ALA C 13 -19.39 -14.38 9.30
CA ALA C 13 -19.54 -13.62 10.53
C ALA C 13 -18.37 -13.81 11.49
N ALA C 14 -18.23 -12.92 12.46
CA ALA C 14 -17.12 -12.95 13.41
C ALA C 14 -17.29 -14.13 14.38
N ARG C 15 -16.20 -14.50 15.06
CA ARG C 15 -16.17 -15.63 16.00
C ARG C 15 -16.32 -16.96 15.26
N LYS C 16 -16.51 -16.89 13.95
CA LYS C 16 -16.89 -18.03 13.17
C LYS C 16 -15.67 -18.51 12.37
N SER C 17 -15.91 -19.36 11.37
CA SER C 17 -14.82 -19.89 10.57
C SER C 17 -15.12 -19.89 9.07
N VAL C 18 -14.07 -19.73 8.25
CA VAL C 18 -14.18 -19.85 6.81
C VAL C 18 -13.07 -20.74 6.27
N THR C 19 -13.32 -21.33 5.11
CA THR C 19 -12.31 -22.07 4.37
C THR C 19 -12.10 -21.38 3.02
N ILE C 20 -10.89 -20.92 2.76
CA ILE C 20 -10.56 -20.37 1.44
C ILE C 20 -10.03 -21.49 0.54
N SER C 21 -10.67 -21.71 -0.60
CA SER C 21 -10.24 -22.79 -1.47
C SER C 21 -9.23 -22.29 -2.52
N CYS C 22 -8.46 -23.23 -3.04
CA CYS C 22 -7.40 -22.97 -4.01
C CYS C 22 -7.22 -24.22 -4.86
N SER C 23 -7.49 -24.12 -6.15
CA SER C 23 -7.37 -25.31 -7.00
C SER C 23 -6.38 -25.07 -8.12
N GLY C 24 -5.42 -25.98 -8.24
CA GLY C 24 -4.41 -25.89 -9.27
C GLY C 24 -4.42 -27.11 -10.17
N GLY C 25 -3.26 -27.45 -10.71
CA GLY C 25 -3.13 -28.59 -11.59
C GLY C 25 -1.93 -29.47 -11.26
N SER C 26 -1.80 -30.58 -11.99
CA SER C 26 -0.79 -31.58 -11.72
C SER C 26 0.63 -31.02 -11.80
N SER C 27 0.79 -29.92 -12.51
CA SER C 27 2.11 -29.35 -12.76
C SER C 27 2.60 -28.46 -11.62
N ASN C 28 1.69 -28.03 -10.75
CA ASN C 28 2.06 -27.21 -9.62
C ASN C 28 1.77 -27.89 -8.28
N ILE C 29 0.56 -27.69 -7.76
CA ILE C 29 0.16 -28.28 -6.49
C ILE C 29 0.31 -29.82 -6.50
N GLY C 30 0.22 -30.42 -7.68
CA GLY C 30 0.40 -31.86 -7.80
C GLY C 30 1.84 -32.34 -7.70
N ASP C 31 2.80 -31.43 -7.70
CA ASP C 31 4.21 -31.79 -7.60
C ASP C 31 4.89 -31.15 -6.41
N ASP C 32 4.33 -30.03 -5.97
CA ASP C 32 4.96 -29.14 -5.01
C ASP C 32 4.00 -28.87 -3.87
N SER C 33 4.51 -28.29 -2.80
CA SER C 33 3.66 -27.88 -1.70
C SER C 33 3.02 -26.50 -1.96
N VAL C 34 2.03 -26.17 -1.13
CA VAL C 34 1.32 -24.91 -1.24
C VAL C 34 1.76 -23.99 -0.11
N SER C 35 1.80 -22.69 -0.40
CA SER C 35 1.94 -21.70 0.65
C SER C 35 0.70 -20.84 0.62
N TRP C 36 0.45 -20.15 1.73
CA TRP C 36 -0.65 -19.19 1.84
C TRP C 36 -0.14 -17.86 2.34
N TYR C 37 -0.62 -16.78 1.74
CA TYR C 37 -0.19 -15.44 2.13
C TYR C 37 -1.36 -14.58 2.51
N GLN C 38 -1.12 -13.68 3.46
CA GLN C 38 -2.12 -12.69 3.80
C GLN C 38 -1.64 -11.30 3.40
N GLN C 39 -2.50 -10.56 2.71
CA GLN C 39 -2.21 -9.17 2.36
C GLN C 39 -3.36 -8.23 2.75
N VAL C 40 -3.09 -7.43 3.76
CA VAL C 40 -3.94 -6.34 4.22
C VAL C 40 -3.73 -5.14 3.30
N PRO C 41 -4.82 -4.45 2.92
CA PRO C 41 -4.80 -3.31 1.98
C PRO C 41 -3.60 -2.37 2.09
N GLY C 42 -2.79 -2.32 1.05
CA GLY C 42 -1.66 -1.41 1.00
C GLY C 42 -0.48 -1.77 1.88
N THR C 43 -0.41 -3.03 2.28
CA THR C 43 0.71 -3.53 3.07
C THR C 43 1.34 -4.70 2.32
N ALA C 44 2.57 -5.06 2.68
CA ALA C 44 3.24 -6.16 1.99
C ALA C 44 2.56 -7.47 2.34
N PRO C 45 2.50 -8.39 1.36
CA PRO C 45 2.00 -9.73 1.70
C PRO C 45 2.83 -10.34 2.82
N LYS C 46 2.20 -11.22 3.59
CA LYS C 46 2.87 -11.89 4.70
C LYS C 46 2.60 -13.38 4.66
N LEU C 47 3.64 -14.20 4.84
CA LEU C 47 3.47 -15.65 4.82
C LEU C 47 2.69 -16.12 6.04
N LEU C 48 1.65 -16.92 5.81
CA LEU C 48 0.91 -17.56 6.89
C LEU C 48 1.26 -19.03 7.00
N ILE C 49 1.16 -19.73 5.87
CA ILE C 49 1.36 -21.19 5.83
C ILE C 49 2.40 -21.58 4.78
N TYR C 50 3.25 -22.55 5.10
CA TYR C 50 4.18 -23.03 4.09
C TYR C 50 4.19 -24.53 4.19
N TYR C 51 4.73 -25.18 3.16
CA TYR C 51 4.74 -26.64 3.11
C TYR C 51 3.37 -27.23 3.41
N ASN C 52 2.33 -26.68 2.79
CA ASN C 52 0.93 -27.12 2.94
C ASN C 52 0.26 -26.81 4.27
N ASP C 53 0.92 -27.11 5.39
CA ASP C 53 0.24 -27.07 6.67
C ASP C 53 1.11 -26.57 7.80
N ARG C 54 2.22 -25.92 7.49
CA ARG C 54 3.09 -25.42 8.54
C ARG C 54 2.93 -23.92 8.71
N ARG C 55 2.69 -23.49 9.94
CA ARG C 55 2.52 -22.07 10.25
C ARG C 55 3.86 -21.35 10.33
N ALA C 56 3.94 -20.20 9.67
CA ALA C 56 5.09 -19.30 9.85
C ALA C 56 5.17 -18.87 11.31
N SER C 57 6.38 -18.55 11.77
CA SER C 57 6.56 -18.15 13.16
C SER C 57 5.72 -16.92 13.46
N GLY C 58 5.21 -16.85 14.68
CA GLY C 58 4.36 -15.75 15.10
C GLY C 58 2.95 -15.80 14.58
N VAL C 59 2.64 -16.75 13.71
CA VAL C 59 1.29 -16.81 13.14
C VAL C 59 0.32 -17.59 14.02
N SER C 60 -0.86 -17.01 14.21
CA SER C 60 -1.92 -17.56 15.05
C SER C 60 -2.31 -18.99 14.67
N ASP C 61 -2.54 -19.80 15.70
CA ASP C 61 -3.03 -21.18 15.58
C ASP C 61 -4.45 -21.29 15.00
N ARG C 62 -5.11 -20.13 14.85
CA ARG C 62 -6.44 -20.06 14.22
C ARG C 62 -6.37 -20.35 12.73
N PHE C 63 -5.18 -20.25 12.15
CA PHE C 63 -4.93 -20.58 10.74
C PHE C 63 -4.42 -22.00 10.55
N SER C 64 -4.93 -22.70 9.56
CA SER C 64 -4.40 -24.02 9.22
C SER C 64 -4.62 -24.31 7.73
N GLY C 65 -3.69 -25.02 7.13
CA GLY C 65 -3.73 -25.29 5.72
C GLY C 65 -3.71 -26.78 5.46
N SER C 66 -4.24 -27.18 4.32
CA SER C 66 -4.17 -28.57 3.91
C SER C 66 -4.02 -28.63 2.40
N LYS C 67 -3.42 -29.73 1.93
CA LYS C 67 -3.30 -30.00 0.50
C LYS C 67 -3.92 -31.38 0.24
N SER C 68 -4.63 -31.49 -0.87
CA SER C 68 -5.31 -32.72 -1.23
C SER C 68 -5.37 -32.89 -2.74
N GLY C 69 -4.41 -33.63 -3.29
CA GLY C 69 -4.34 -33.83 -4.73
C GLY C 69 -3.85 -32.58 -5.43
N THR C 70 -4.75 -31.89 -6.11
CA THR C 70 -4.41 -30.63 -6.78
C THR C 70 -5.13 -29.46 -6.14
N SER C 71 -5.73 -29.70 -4.98
CA SER C 71 -6.44 -28.66 -4.26
C SER C 71 -5.75 -28.32 -2.94
N ALA C 72 -5.91 -27.08 -2.52
CA ALA C 72 -5.39 -26.64 -1.24
C ALA C 72 -6.48 -25.87 -0.51
N SER C 73 -6.37 -25.80 0.80
CA SER C 73 -7.39 -25.13 1.61
C SER C 73 -6.76 -24.37 2.78
N LEU C 74 -7.33 -23.23 3.12
CA LEU C 74 -6.90 -22.46 4.29
C LEU C 74 -8.06 -22.22 5.23
N ALA C 75 -7.93 -22.71 6.47
CA ALA C 75 -8.98 -22.56 7.46
C ALA C 75 -8.65 -21.43 8.42
N ILE C 76 -9.62 -20.54 8.62
CA ILE C 76 -9.52 -19.46 9.61
C ILE C 76 -10.62 -19.60 10.64
N ASN C 77 -10.25 -19.98 11.87
CA ASN C 77 -11.22 -20.20 12.93
C ASN C 77 -11.23 -19.03 13.92
N GLY C 78 -12.34 -18.87 14.64
CA GLY C 78 -12.50 -17.76 15.56
C GLY C 78 -12.25 -16.45 14.85
N LEU C 79 -13.01 -16.22 13.78
CA LEU C 79 -12.80 -15.05 12.93
C LEU C 79 -12.81 -13.72 13.67
N GLN C 80 -11.79 -12.93 13.40
CA GLN C 80 -11.65 -11.60 13.98
C GLN C 80 -11.67 -10.56 12.87
N SER C 81 -12.12 -9.35 13.19
CA SER C 81 -12.25 -8.28 12.19
C SER C 81 -10.91 -7.90 11.58
N GLU C 82 -9.84 -8.17 12.32
CA GLU C 82 -8.49 -7.87 11.88
C GLU C 82 -7.99 -8.90 10.85
N ASP C 83 -8.85 -9.85 10.50
CA ASP C 83 -8.50 -10.88 9.51
C ASP C 83 -8.96 -10.48 8.10
N GLU C 84 -9.63 -9.32 7.99
CA GLU C 84 -10.07 -8.83 6.69
C GLU C 84 -8.85 -8.49 5.83
N ALA C 85 -8.70 -9.22 4.73
CA ALA C 85 -7.52 -9.10 3.88
C ALA C 85 -7.71 -9.94 2.63
N ASP C 86 -6.74 -9.86 1.73
CA ASP C 86 -6.68 -10.79 0.61
C ASP C 86 -5.80 -11.98 0.98
N TYR C 87 -6.32 -13.18 0.75
CA TYR C 87 -5.59 -14.41 1.00
C TYR C 87 -5.15 -15.06 -0.31
N TYR C 88 -3.86 -15.34 -0.42
CA TYR C 88 -3.32 -15.91 -1.66
C TYR C 88 -2.64 -17.23 -1.41
N CYS C 89 -3.04 -18.25 -2.16
CA CYS C 89 -2.28 -19.51 -2.18
C CYS C 89 -1.15 -19.35 -3.19
N ALA C 90 -0.20 -20.29 -3.21
CA ALA C 90 0.93 -20.20 -4.11
C ALA C 90 1.63 -21.55 -4.18
N ALA C 91 2.29 -21.80 -5.29
CA ALA C 91 2.98 -23.07 -5.48
C ALA C 91 3.88 -22.99 -6.68
N TRP C 92 4.96 -23.78 -6.65
CA TRP C 92 5.88 -23.85 -7.78
C TRP C 92 5.33 -24.71 -8.89
N ASP C 93 5.44 -24.21 -10.11
CA ASP C 93 5.02 -24.97 -11.29
C ASP C 93 6.24 -25.49 -12.02
N ASP C 94 6.30 -26.81 -12.22
CA ASP C 94 7.47 -27.46 -12.80
C ASP C 94 7.56 -27.26 -14.30
N SER C 95 6.41 -27.20 -14.96
CA SER C 95 6.40 -27.20 -16.42
C SER C 95 6.74 -25.82 -16.97
N LEU C 96 6.37 -24.77 -16.26
CA LEU C 96 6.79 -23.44 -16.71
C LEU C 96 7.83 -22.83 -15.77
N SER C 97 8.26 -23.62 -14.78
CA SER C 97 9.38 -23.27 -13.91
C SER C 97 9.22 -21.89 -13.28
N ALA C 98 8.08 -21.65 -12.64
CA ALA C 98 7.79 -20.36 -12.03
C ALA C 98 6.98 -20.54 -10.75
N TYR C 99 7.06 -19.56 -9.84
CA TYR C 99 6.22 -19.56 -8.64
C TYR C 99 4.89 -18.93 -8.98
N ILE C 100 3.81 -19.69 -8.85
CA ILE C 100 2.50 -19.19 -9.23
C ILE C 100 1.72 -18.76 -8.00
N PHE C 101 1.19 -17.55 -8.05
CA PHE C 101 0.26 -17.07 -7.04
C PHE C 101 -1.16 -17.25 -7.51
N GLY C 102 -2.03 -17.75 -6.64
CA GLY C 102 -3.44 -17.89 -6.96
C GLY C 102 -4.06 -16.52 -7.10
N SER C 103 -5.25 -16.46 -7.69
CA SER C 103 -5.90 -15.18 -8.01
C SER C 103 -6.32 -14.40 -6.78
N GLY C 104 -6.51 -15.10 -5.66
CA GLY C 104 -6.71 -14.44 -4.36
C GLY C 104 -8.16 -14.22 -3.99
N THR C 105 -8.48 -14.46 -2.71
CA THR C 105 -9.82 -14.27 -2.17
C THR C 105 -9.85 -13.11 -1.20
N ARG C 106 -10.81 -12.22 -1.37
CA ARG C 106 -10.96 -11.12 -0.42
C ARG C 106 -11.90 -11.56 0.71
N LEU C 107 -11.46 -11.37 1.94
CA LEU C 107 -12.22 -11.85 3.08
C LEU C 107 -12.91 -10.72 3.81
N THR C 108 -14.22 -10.87 4.02
CA THR C 108 -15.02 -9.90 4.73
C THR C 108 -15.60 -10.53 6.01
N VAL C 109 -15.32 -9.93 7.15
CA VAL C 109 -15.88 -10.43 8.39
C VAL C 109 -17.16 -9.66 8.69
N LEU C 110 -18.29 -10.35 8.50
CA LEU C 110 -19.60 -9.72 8.67
C LEU C 110 -19.77 -9.19 10.07
N GLY C 111 -20.57 -8.13 10.21
CA GLY C 111 -20.89 -7.59 11.53
C GLY C 111 -20.35 -6.21 11.88
N GLN C 112 -19.50 -5.64 11.06
CA GLN C 112 -18.98 -4.31 11.35
C GLN C 112 -20.14 -3.31 11.40
N PRO C 113 -20.22 -2.50 12.47
CA PRO C 113 -21.31 -1.53 12.64
C PRO C 113 -21.26 -0.37 11.65
N LYS C 114 -22.44 0.16 11.28
CA LYS C 114 -22.60 1.43 10.58
C LYS C 114 -21.72 2.48 11.27
N ALA C 115 -21.14 3.39 10.50
CA ALA C 115 -20.42 4.50 11.10
C ALA C 115 -20.53 5.73 10.21
N SER C 116 -20.95 6.84 10.81
CA SER C 116 -21.11 8.09 10.08
C SER C 116 -19.74 8.75 9.89
N PRO C 117 -19.54 9.38 8.73
CA PRO C 117 -18.22 9.94 8.43
C PRO C 117 -17.89 11.11 9.32
N THR C 118 -16.61 11.26 9.65
CA THR C 118 -16.14 12.52 10.20
C THR C 118 -15.55 13.34 9.04
N VAL C 119 -15.79 14.64 9.07
CA VAL C 119 -15.44 15.50 7.96
C VAL C 119 -14.62 16.67 8.43
N THR C 120 -13.48 16.88 7.78
CA THR C 120 -12.60 17.99 8.12
C THR C 120 -12.33 18.85 6.89
N LEU C 121 -12.66 20.13 6.97
CA LEU C 121 -12.57 21.04 5.82
C LEU C 121 -11.59 22.17 6.03
N PHE C 122 -10.55 22.22 5.21
CA PHE C 122 -9.56 23.29 5.26
C PHE C 122 -9.76 24.25 4.10
N PRO C 123 -9.69 25.57 4.36
CA PRO C 123 -9.76 26.61 3.33
C PRO C 123 -8.39 26.81 2.66
N PRO C 124 -8.36 27.53 1.54
CA PRO C 124 -7.06 27.86 0.94
C PRO C 124 -6.25 28.72 1.89
N SER C 125 -4.94 28.47 1.99
CA SER C 125 -4.06 29.32 2.80
C SER C 125 -3.52 30.51 2.00
N SER C 126 -3.00 31.52 2.71
CA SER C 126 -2.39 32.68 2.08
C SER C 126 -1.27 32.28 1.13
N GLU C 127 -0.50 31.27 1.53
CA GLU C 127 0.59 30.72 0.72
C GLU C 127 0.03 30.19 -0.61
N GLU C 128 -1.03 29.37 -0.51
CA GLU C 128 -1.69 28.81 -1.69
C GLU C 128 -2.24 29.88 -2.61
N LEU C 129 -2.91 30.86 -2.03
CA LEU C 129 -3.55 31.91 -2.82
C LEU C 129 -2.54 32.65 -3.68
N GLN C 130 -1.40 32.99 -3.10
CA GLN C 130 -0.38 33.74 -3.82
C GLN C 130 0.36 32.88 -4.84
N ALA C 131 0.40 31.58 -4.63
CA ALA C 131 0.98 30.67 -5.64
C ALA C 131 -0.08 30.26 -6.66
N ASN C 132 -1.25 30.88 -6.55
CA ASN C 132 -2.44 30.52 -7.33
C ASN C 132 -2.66 28.99 -7.42
N LYS C 133 -2.58 28.34 -6.26
CA LYS C 133 -2.87 26.93 -6.12
C LYS C 133 -3.97 26.75 -5.04
N ALA C 134 -4.90 27.69 -4.98
CA ALA C 134 -5.97 27.64 -4.00
C ALA C 134 -6.76 26.33 -4.11
N THR C 135 -6.81 25.61 -3.00
CA THR C 135 -7.44 24.31 -2.95
C THR C 135 -8.27 24.16 -1.68
N LEU C 136 -9.55 23.87 -1.82
CA LEU C 136 -10.36 23.49 -0.67
C LEU C 136 -10.20 22.00 -0.42
N VAL C 137 -9.88 21.64 0.83
CA VAL C 137 -9.54 20.27 1.19
C VAL C 137 -10.57 19.64 2.11
N CYS C 138 -11.30 18.67 1.58
CA CYS C 138 -12.35 18.01 2.36
C CYS C 138 -11.93 16.58 2.68
N LEU C 139 -11.58 16.34 3.94
CA LEU C 139 -11.12 15.01 4.36
C LEU C 139 -12.21 14.29 5.14
N ILE C 140 -12.45 13.05 4.72
CA ILE C 140 -13.60 12.29 5.15
C ILE C 140 -13.10 10.97 5.65
N SER C 141 -13.42 10.62 6.88
CA SER C 141 -12.87 9.39 7.46
C SER C 141 -13.83 8.70 8.41
N ASP C 142 -13.45 7.48 8.81
CA ASP C 142 -14.19 6.70 9.78
C ASP C 142 -15.63 6.37 9.40
N PHE C 143 -15.88 6.05 8.13
CA PHE C 143 -17.23 5.67 7.79
C PHE C 143 -17.34 4.26 7.28
N TYR C 144 -18.51 3.67 7.52
CA TYR C 144 -18.80 2.33 7.09
C TYR C 144 -20.29 2.19 6.91
N PRO C 145 -20.73 1.59 5.78
CA PRO C 145 -19.91 1.04 4.69
C PRO C 145 -19.26 2.10 3.82
N GLY C 146 -18.44 1.69 2.87
CA GLY C 146 -17.56 2.62 2.16
C GLY C 146 -18.12 3.36 0.98
N VAL C 147 -19.33 3.90 1.11
CA VAL C 147 -19.89 4.65 -0.01
C VAL C 147 -20.35 6.02 0.48
N VAL C 148 -19.84 7.07 -0.14
CA VAL C 148 -20.31 8.41 0.15
C VAL C 148 -20.55 9.18 -1.12
N LYS C 149 -21.43 10.17 -1.06
CA LYS C 149 -21.56 11.15 -2.13
C LYS C 149 -21.10 12.51 -1.59
N VAL C 150 -20.18 13.14 -2.31
CA VAL C 150 -19.64 14.42 -1.94
C VAL C 150 -20.19 15.52 -2.85
N ALA C 151 -20.68 16.59 -2.25
CA ALA C 151 -21.23 17.73 -2.97
C ALA C 151 -20.63 19.02 -2.41
N TRP C 152 -20.19 19.89 -3.30
CA TRP C 152 -19.65 21.18 -2.91
C TRP C 152 -20.64 22.28 -3.20
N LYS C 153 -20.63 23.32 -2.38
CA LYS C 153 -21.48 24.48 -2.61
C LYS C 153 -20.68 25.75 -2.46
N ALA C 154 -21.06 26.77 -3.23
CA ALA C 154 -20.56 28.11 -3.00
C ALA C 154 -21.76 29.03 -2.82
N ASP C 155 -21.84 29.64 -1.64
CA ASP C 155 -22.96 30.50 -1.28
C ASP C 155 -24.28 29.76 -1.50
N GLY C 156 -24.33 28.50 -1.09
CA GLY C 156 -25.55 27.73 -1.14
C GLY C 156 -25.83 27.13 -2.50
N SER C 157 -25.15 27.63 -3.53
CA SER C 157 -25.28 27.11 -4.88
C SER C 157 -24.26 26.01 -5.14
N ALA C 158 -24.68 24.94 -5.80
CA ALA C 158 -23.82 23.80 -6.08
C ALA C 158 -22.72 24.12 -7.08
N VAL C 159 -21.56 23.49 -6.88
CA VAL C 159 -20.42 23.61 -7.79
C VAL C 159 -19.90 22.25 -8.20
N ASN C 160 -19.71 22.03 -9.51
CA ASN C 160 -19.14 20.78 -10.00
C ASN C 160 -17.76 20.95 -10.66
N ALA C 161 -17.50 22.14 -11.18
CA ALA C 161 -16.21 22.44 -11.80
C ALA C 161 -15.12 22.53 -10.75
N GLY C 162 -13.97 21.93 -11.06
CA GLY C 162 -12.81 21.99 -10.20
C GLY C 162 -12.82 20.96 -9.09
N VAL C 163 -13.76 20.02 -9.16
CA VAL C 163 -13.92 19.02 -8.11
C VAL C 163 -13.28 17.70 -8.48
N GLU C 164 -12.45 17.18 -7.59
CA GLU C 164 -11.89 15.84 -7.73
C GLU C 164 -12.08 15.10 -6.42
N THR C 165 -12.61 13.90 -6.51
CA THR C 165 -12.93 13.11 -5.34
C THR C 165 -12.41 11.68 -5.50
N THR C 166 -11.67 11.20 -4.50
CA THR C 166 -11.16 9.85 -4.51
C THR C 166 -12.28 8.83 -4.32
N THR C 167 -11.98 7.60 -4.70
CA THR C 167 -12.80 6.48 -4.27
C THR C 167 -12.46 6.21 -2.81
N PRO C 168 -13.44 5.74 -2.03
CA PRO C 168 -13.17 5.40 -0.64
C PRO C 168 -12.16 4.26 -0.55
N SER C 169 -11.28 4.31 0.44
CA SER C 169 -10.38 3.17 0.64
C SER C 169 -10.39 2.76 2.12
N LYS C 170 -10.20 1.46 2.37
CA LYS C 170 -10.25 0.91 3.73
C LYS C 170 -9.08 1.39 4.58
N GLN C 171 -9.41 1.89 5.78
CA GLN C 171 -8.41 2.28 6.78
C GLN C 171 -7.90 1.07 7.56
N SER C 172 -6.83 1.27 8.34
CA SER C 172 -6.33 0.24 9.25
C SER C 172 -7.43 -0.33 10.13
N ASN C 173 -8.30 0.52 10.66
CA ASN C 173 -9.38 0.08 11.55
C ASN C 173 -10.59 -0.43 10.80
N ASN C 174 -10.41 -0.73 9.51
CA ASN C 174 -11.45 -1.28 8.64
C ASN C 174 -12.66 -0.36 8.38
N LYS C 175 -12.61 0.87 8.89
CA LYS C 175 -13.53 1.91 8.41
C LYS C 175 -12.96 2.49 7.12
N TYR C 176 -13.68 3.43 6.52
CA TYR C 176 -13.23 4.00 5.25
C TYR C 176 -12.83 5.47 5.35
N ALA C 177 -11.98 5.87 4.41
CA ALA C 177 -11.56 7.25 4.21
C ALA C 177 -11.68 7.61 2.72
N ALA C 178 -11.97 8.86 2.45
CA ALA C 178 -11.89 9.40 1.10
C ALA C 178 -11.53 10.87 1.26
N SER C 179 -11.21 11.53 0.16
CA SER C 179 -11.04 12.98 0.25
C SER C 179 -11.56 13.62 -1.02
N SER C 180 -11.91 14.90 -0.92
CA SER C 180 -12.37 15.62 -2.10
C SER C 180 -11.72 16.99 -2.11
N TYR C 181 -11.23 17.37 -3.29
CA TYR C 181 -10.59 18.68 -3.50
C TYR C 181 -11.34 19.55 -4.49
N LEU C 182 -11.56 20.81 -4.12
CA LEU C 182 -12.09 21.81 -5.04
C LEU C 182 -11.01 22.84 -5.34
N SER C 183 -10.62 22.95 -6.61
CA SER C 183 -9.58 23.88 -7.02
C SER C 183 -10.19 25.20 -7.45
N LEU C 184 -9.68 26.29 -6.90
CA LEU C 184 -10.22 27.61 -7.20
C LEU C 184 -9.10 28.52 -7.64
N THR C 185 -9.42 29.52 -8.44
CA THR C 185 -8.48 30.64 -8.60
C THR C 185 -8.57 31.42 -7.29
N SER C 186 -7.50 32.16 -6.98
CA SER C 186 -7.44 33.00 -5.79
C SER C 186 -8.61 33.97 -5.82
N ASP C 187 -8.95 34.37 -7.03
CA ASP C 187 -10.00 35.35 -7.24
C ASP C 187 -11.39 34.78 -6.94
N GLN C 188 -11.62 33.53 -7.35
CA GLN C 188 -12.86 32.84 -7.02
C GLN C 188 -13.06 32.72 -5.52
N TRP C 189 -11.96 32.56 -4.79
CA TRP C 189 -12.03 32.34 -3.35
C TRP C 189 -12.56 33.57 -2.63
N LYS C 190 -12.21 34.75 -3.14
CA LYS C 190 -12.68 35.99 -2.53
C LYS C 190 -14.00 36.45 -3.15
N SER C 191 -14.41 35.80 -4.24
CA SER C 191 -15.61 36.19 -4.97
C SER C 191 -16.88 35.64 -4.30
N HIS C 192 -16.71 34.86 -3.23
CA HIS C 192 -17.84 34.24 -2.54
C HIS C 192 -17.80 34.45 -1.02
N LYS C 193 -18.96 34.43 -0.38
CA LYS C 193 -19.02 34.59 1.07
C LYS C 193 -18.61 33.30 1.80
N SER C 194 -18.93 32.14 1.24
CA SER C 194 -18.46 30.88 1.80
C SER C 194 -18.47 29.72 0.80
N TYR C 195 -17.77 28.66 1.14
CA TYR C 195 -17.88 27.39 0.44
C TYR C 195 -18.19 26.31 1.45
N SER C 196 -18.86 25.27 0.99
CA SER C 196 -19.13 24.17 1.90
C SER C 196 -18.93 22.84 1.20
N CYS C 197 -18.48 21.87 1.98
CA CYS C 197 -18.38 20.48 1.58
C CYS C 197 -19.47 19.65 2.28
N GLN C 198 -20.33 18.97 1.52
CA GLN C 198 -21.35 18.08 2.10
C GLN C 198 -21.11 16.63 1.77
N VAL C 199 -21.11 15.78 2.80
CA VAL C 199 -20.92 14.36 2.61
C VAL C 199 -22.16 13.59 3.02
N THR C 200 -22.67 12.77 2.11
CA THR C 200 -23.85 11.96 2.38
C THR C 200 -23.46 10.50 2.49
N HIS C 201 -23.95 9.84 3.53
CA HIS C 201 -23.64 8.44 3.80
C HIS C 201 -24.93 7.72 4.23
N GLU C 202 -25.56 7.04 3.26
CA GLU C 202 -26.91 6.48 3.41
C GLU C 202 -27.86 7.51 4.04
N GLY C 203 -28.23 7.32 5.31
CA GLY C 203 -29.28 8.12 5.92
C GLY C 203 -28.81 9.41 6.59
N SER C 204 -27.50 9.68 6.48
CA SER C 204 -26.90 10.76 7.24
C SER C 204 -26.08 11.69 6.34
N THR C 205 -26.19 12.99 6.59
CA THR C 205 -25.44 13.96 5.83
C THR C 205 -24.67 14.86 6.79
N VAL C 206 -23.40 15.06 6.50
CA VAL C 206 -22.54 15.88 7.34
C VAL C 206 -21.92 16.99 6.49
N GLU C 207 -22.15 18.24 6.87
CA GLU C 207 -21.71 19.35 6.06
C GLU C 207 -20.82 20.31 6.86
N LYS C 208 -19.73 20.76 6.24
CA LYS C 208 -18.87 21.75 6.85
C LYS C 208 -18.65 22.94 5.91
N THR C 209 -18.43 24.10 6.49
CA THR C 209 -18.38 25.35 5.76
C THR C 209 -17.17 26.16 6.24
N VAL C 210 -16.47 26.79 5.29
CA VAL C 210 -15.39 27.72 5.64
C VAL C 210 -15.53 29.01 4.84
N ALA C 211 -14.90 30.07 5.33
CA ALA C 211 -15.00 31.39 4.70
C ALA C 211 -13.65 32.09 4.67
N PRO C 212 -13.47 33.00 3.71
CA PRO C 212 -12.33 33.94 3.70
C PRO C 212 -12.16 34.69 5.02
#